data_3UUD
#
_entry.id   3UUD
#
_cell.length_a   56.230
_cell.length_b   82.010
_cell.length_c   58.930
_cell.angle_alpha   90.00
_cell.angle_beta   111.06
_cell.angle_gamma   90.00
#
_symmetry.space_group_name_H-M   'P 1 21 1'
#
loop_
_entity.id
_entity.type
_entity.pdbx_description
1 polymer 'Estrogen receptor'
2 polymer 'Estrogen receptor'
3 polymer 'Nuclear receptor coactivator 1'
4 non-polymer ESTRADIOL
5 non-polymer GLYCEROL
6 non-polymer 1,2-ETHANEDIOL
7 water water
#
loop_
_entity_poly.entity_id
_entity_poly.type
_entity_poly.pdbx_seq_one_letter_code
_entity_poly.pdbx_strand_id
1 'polypeptide(L)'
;KKNSLALSLTADQMVSALLDAEPPILYSEYDPTRPFSEASMMGLLTNLADRELVHMINWAKRVPGFVDLTLHDQVHLLE
(CSO)AWLEILMIGLVWRSMEHPGKLLFAPNLLLDRNQGKCVEGMVEIFDMLLATSSRFRMMNLQGEEFVCLKSIILLNS
GVYTFLSSTLKSLEEKDHIHRVLDKITDTLIHLMAKAGLTLQQQHQRLAQLLLILSHIRHMSNKGMEHLYSMK(CSO)KN
VVPLSDLLLEMLDAHRLHAP
;
A
2 'polypeptide(L)'
;KKNSLALSLTADQMVSALLDAEPPILYSEYDPTRPFSEASMMGLLTNLADRELVHMINWAKRVPGFVDLTLHDQVHLLE
(CSO)AWLEILMIGLVWRSMEHPGKLLFAPNLLLDRNQGK(CSO)VEGMVEIFDMLLATSSRFRMMNLQGEEFVCLKSII
LLNSGVYTFLSSTLKSLEEKDHIHRVLDKITDTLIHLMAKAGLTLQQQHQRLAQLLLILSHIRHMSNKGMEHLYSMKCKN
VVPLSDLLLEMLDAHRLHAP
;
B
3 'polypeptide(L)' RHKILHRLLQEGS C,D
#
loop_
_chem_comp.id
_chem_comp.type
_chem_comp.name
_chem_comp.formula
EDO non-polymer 1,2-ETHANEDIOL 'C2 H6 O2'
EST non-polymer ESTRADIOL 'C18 H24 O2'
GOL non-polymer GLYCEROL 'C3 H8 O3'
#
# COMPACT_ATOMS: atom_id res chain seq x y z
N SER A 4 20.18 17.49 -13.70
CA SER A 4 19.93 17.00 -12.35
C SER A 4 21.14 16.27 -11.80
N LEU A 5 21.68 16.77 -10.69
CA LEU A 5 22.77 16.09 -10.01
C LEU A 5 22.29 14.75 -9.47
N ALA A 6 21.02 14.70 -9.09
CA ALA A 6 20.44 13.48 -8.52
C ALA A 6 20.61 12.27 -9.44
N LEU A 7 20.41 12.49 -10.73
CA LEU A 7 20.47 11.37 -11.68
C LEU A 7 21.91 11.02 -12.06
N SER A 8 22.87 11.79 -11.57
CA SER A 8 24.27 11.56 -11.90
C SER A 8 25.03 10.87 -10.76
N LEU A 9 24.31 10.52 -9.70
CA LEU A 9 24.94 9.88 -8.55
C LEU A 9 25.15 8.38 -8.79
N THR A 10 26.32 7.89 -8.41
CA THR A 10 26.55 6.46 -8.35
C THR A 10 25.77 5.89 -7.16
N ALA A 11 25.66 4.56 -7.09
CA ALA A 11 24.99 3.93 -5.97
C ALA A 11 25.65 4.27 -4.64
N ASP A 12 26.98 4.26 -4.60
CA ASP A 12 27.68 4.58 -3.36
C ASP A 12 27.37 6.02 -2.92
N GLN A 13 27.33 6.94 -3.89
CA GLN A 13 27.04 8.33 -3.59
C GLN A 13 25.60 8.52 -3.11
N MET A 14 24.68 7.75 -3.69
CA MET A 14 23.28 7.81 -3.25
C MET A 14 23.19 7.38 -1.78
N VAL A 15 23.80 6.23 -1.47
CA VAL A 15 23.83 5.75 -0.08
C VAL A 15 24.39 6.80 0.87
N SER A 16 25.55 7.37 0.53
CA SER A 16 26.17 8.38 1.38
C SER A 16 25.25 9.58 1.61
N ALA A 17 24.60 10.05 0.54
CA ALA A 17 23.72 11.20 0.62
C ALA A 17 22.56 10.93 1.58
N LEU A 18 21.97 9.75 1.46
CA LEU A 18 20.82 9.39 2.29
C LEU A 18 21.22 9.19 3.74
N LEU A 19 22.35 8.51 3.98
CA LEU A 19 22.83 8.36 5.36
C LEU A 19 23.12 9.73 5.99
N ASP A 20 23.74 10.63 5.23
CA ASP A 20 24.08 11.95 5.77
C ASP A 20 22.83 12.79 6.09
N ALA A 21 21.74 12.54 5.38
CA ALA A 21 20.52 13.34 5.52
C ALA A 21 19.67 12.91 6.71
N GLU A 22 20.05 11.82 7.38
CA GLU A 22 19.21 11.25 8.45
C GLU A 22 18.92 12.26 9.55
N PRO A 23 17.64 12.36 9.96
CA PRO A 23 17.25 13.24 11.07
C PRO A 23 17.68 12.65 12.40
N PRO A 24 17.70 13.47 13.45
CA PRO A 24 18.07 12.95 14.76
C PRO A 24 16.93 12.19 15.43
N ILE A 25 17.28 11.43 16.45
CA ILE A 25 16.29 10.75 17.28
C ILE A 25 15.90 11.68 18.44
N LEU A 26 14.64 12.11 18.44
CA LEU A 26 14.18 13.06 19.46
C LEU A 26 13.69 12.37 20.74
N TYR A 27 13.70 13.14 21.83
CA TYR A 27 13.18 12.67 23.11
C TYR A 27 11.73 13.12 23.30
N SER A 28 10.99 12.36 24.07
CA SER A 28 9.62 12.73 24.41
CA SER A 28 9.62 12.72 24.43
C SER A 28 9.62 13.54 25.70
N GLU A 29 8.47 14.11 26.04
CA GLU A 29 8.32 14.84 27.29
C GLU A 29 7.87 13.91 28.43
N TYR A 30 7.98 12.61 28.19
CA TYR A 30 7.49 11.62 29.15
C TYR A 30 8.02 11.88 30.56
N ASP A 31 7.11 11.95 31.51
CA ASP A 31 7.44 12.08 32.92
C ASP A 31 6.89 10.86 33.62
N PRO A 32 7.78 9.95 34.03
CA PRO A 32 7.37 8.67 34.61
C PRO A 32 6.54 8.84 35.87
N THR A 33 6.48 10.05 36.41
CA THR A 33 5.68 10.28 37.62
C THR A 33 4.21 10.53 37.28
N ARG A 34 3.95 11.05 36.08
CA ARG A 34 2.58 11.34 35.66
C ARG A 34 1.86 10.09 35.20
N PRO A 35 0.85 9.63 35.97
CA PRO A 35 0.08 8.46 35.58
C PRO A 35 -0.48 8.64 34.16
N PHE A 36 -0.42 7.59 33.34
CA PHE A 36 -0.94 7.68 31.99
C PHE A 36 -2.45 7.86 31.96
N SER A 37 -2.92 8.59 30.96
CA SER A 37 -4.34 8.65 30.64
C SER A 37 -4.40 8.61 29.13
N GLU A 38 -5.60 8.46 28.58
CA GLU A 38 -5.76 8.50 27.14
C GLU A 38 -5.26 9.84 26.61
N ALA A 39 -5.68 10.91 27.25
CA ALA A 39 -5.29 12.26 26.84
C ALA A 39 -3.78 12.48 26.91
N SER A 40 -3.15 12.05 28.00
CA SER A 40 -1.72 12.32 28.15
C SER A 40 -0.87 11.48 27.18
N MET A 41 -1.29 10.26 26.94
CA MET A 41 -0.57 9.41 25.99
CA MET A 41 -0.61 9.38 25.98
C MET A 41 -0.67 9.98 24.58
N MET A 42 -1.88 10.35 24.15
CA MET A 42 -2.03 10.97 22.83
C MET A 42 -1.25 12.28 22.79
N GLY A 43 -1.23 13.00 23.91
CA GLY A 43 -0.43 14.20 24.03
C GLY A 43 1.05 13.96 23.74
N LEU A 44 1.60 12.92 24.36
CA LEU A 44 3.02 12.63 24.19
C LEU A 44 3.34 12.24 22.75
N LEU A 45 2.52 11.37 22.19
CA LEU A 45 2.76 10.91 20.83
C LEU A 45 2.61 12.03 19.80
N THR A 46 1.59 12.88 19.96
CA THR A 46 1.38 13.95 18.98
C THR A 46 2.37 15.13 19.16
N ASN A 47 2.75 15.41 20.40
CA ASN A 47 3.82 16.39 20.64
C ASN A 47 5.10 15.93 19.96
N LEU A 48 5.42 14.65 20.10
CA LEU A 48 6.60 14.07 19.49
C LEU A 48 6.51 14.14 17.96
N ALA A 49 5.39 13.70 17.40
CA ALA A 49 5.21 13.74 15.96
C ALA A 49 5.40 15.16 15.42
N ASP A 50 4.85 16.14 16.13
CA ASP A 50 4.92 17.51 15.67
C ASP A 50 6.38 17.98 15.59
N ARG A 51 7.18 17.68 16.61
CA ARG A 51 8.59 18.05 16.56
C ARG A 51 9.35 17.29 15.46
N GLU A 52 9.01 16.01 15.29
CA GLU A 52 9.63 15.22 14.24
C GLU A 52 9.31 15.75 12.84
N LEU A 53 8.11 16.29 12.67
CA LEU A 53 7.72 16.78 11.35
C LEU A 53 8.64 17.90 10.86
N VAL A 54 9.09 18.75 11.78
CA VAL A 54 9.99 19.82 11.37
C VAL A 54 11.31 19.25 10.84
N HIS A 55 11.85 18.24 11.52
CA HIS A 55 13.06 17.61 11.02
C HIS A 55 12.82 16.84 9.73
N MET A 56 11.62 16.27 9.58
CA MET A 56 11.28 15.52 8.36
C MET A 56 11.29 16.41 7.14
N ILE A 57 10.76 17.61 7.30
CA ILE A 57 10.72 18.58 6.20
C ILE A 57 12.11 18.92 5.76
N ASN A 58 13.02 19.09 6.72
CA ASN A 58 14.35 19.45 6.31
CA ASN A 58 14.41 19.42 6.41
C ASN A 58 15.16 18.24 5.80
N TRP A 59 14.80 17.03 6.24
CA TRP A 59 15.36 15.80 5.67
C TRP A 59 14.95 15.65 4.20
N ALA A 60 13.67 15.88 3.92
CA ALA A 60 13.16 15.69 2.55
C ALA A 60 13.95 16.56 1.56
N LYS A 61 14.27 17.78 1.97
CA LYS A 61 15.03 18.68 1.12
C LYS A 61 16.39 18.11 0.71
N ARG A 62 16.90 17.17 1.48
CA ARG A 62 18.18 16.58 1.21
C ARG A 62 18.15 15.24 0.49
N VAL A 63 16.96 14.74 0.21
CA VAL A 63 16.83 13.52 -0.57
C VAL A 63 17.08 13.89 -2.03
N PRO A 64 18.07 13.27 -2.65
CA PRO A 64 18.39 13.66 -4.03
C PRO A 64 17.15 13.67 -4.93
N GLY A 65 16.99 14.75 -5.69
CA GLY A 65 15.87 14.88 -6.60
C GLY A 65 14.68 15.63 -6.04
N PHE A 66 14.52 15.65 -4.71
CA PHE A 66 13.32 16.24 -4.12
C PHE A 66 13.17 17.74 -4.41
N VAL A 67 14.24 18.51 -4.25
CA VAL A 67 14.12 19.95 -4.48
C VAL A 67 14.15 20.35 -5.95
N ASP A 68 14.26 19.38 -6.86
CA ASP A 68 14.12 19.65 -8.28
C ASP A 68 12.64 19.81 -8.63
N LEU A 69 11.80 19.32 -7.73
CA LEU A 69 10.35 19.39 -7.92
C LEU A 69 9.84 20.80 -7.58
N THR A 70 8.71 21.17 -8.17
CA THR A 70 8.06 22.42 -7.79
C THR A 70 7.66 22.35 -6.32
N LEU A 71 7.50 23.51 -5.71
CA LEU A 71 7.08 23.60 -4.31
C LEU A 71 5.74 22.90 -4.07
N HIS A 72 4.78 23.14 -4.96
CA HIS A 72 3.48 22.47 -4.84
C HIS A 72 3.59 20.95 -4.89
N ASP A 73 4.52 20.45 -5.70
CA ASP A 73 4.71 19.00 -5.76
C ASP A 73 5.38 18.48 -4.49
N GLN A 74 6.32 19.24 -3.94
CA GLN A 74 6.96 18.86 -2.69
C GLN A 74 5.92 18.78 -1.57
N VAL A 75 5.05 19.79 -1.53
CA VAL A 75 3.99 19.84 -0.53
C VAL A 75 3.10 18.60 -0.65
N HIS A 76 2.70 18.27 -1.87
CA HIS A 76 1.83 17.11 -2.07
C HIS A 76 2.47 15.80 -1.59
N LEU A 77 3.74 15.60 -1.94
CA LEU A 77 4.41 14.37 -1.57
C LEU A 77 4.52 14.22 -0.05
N LEU A 78 4.88 15.30 0.66
CA LEU A 78 4.97 15.23 2.12
C LEU A 78 3.60 15.08 2.78
N GLU A 79 2.59 15.77 2.26
CA GLU A 79 1.23 15.59 2.79
C GLU A 79 0.79 14.13 2.67
N CSO A 80 1.13 13.48 1.58
CA CSO A 80 0.67 12.11 1.38
CA CSO A 80 0.71 12.09 1.36
CB CSO A 80 0.72 11.76 -0.10
CB CSO A 80 0.95 11.68 -0.09
SG CSO A 80 0.23 10.06 -0.35
SG CSO A 80 -0.31 12.43 -1.13
C CSO A 80 1.45 11.12 2.26
O CSO A 80 0.87 10.17 2.79
OD CSO A 80 -1.53 9.84 -0.06
OD CSO A 80 -1.93 11.97 -0.54
N ALA A 81 2.75 11.36 2.40
CA ALA A 81 3.66 10.38 2.99
C ALA A 81 4.02 10.55 4.47
N TRP A 82 3.69 11.68 5.08
CA TRP A 82 4.27 11.97 6.40
C TRP A 82 4.07 10.90 7.49
N LEU A 83 2.89 10.30 7.55
CA LEU A 83 2.64 9.31 8.60
C LEU A 83 3.34 8.00 8.28
N GLU A 84 3.37 7.61 7.00
CA GLU A 84 4.14 6.43 6.61
C GLU A 84 5.60 6.62 7.01
N ILE A 85 6.11 7.82 6.82
CA ILE A 85 7.52 8.09 7.13
C ILE A 85 7.79 8.04 8.65
N LEU A 86 6.89 8.63 9.42
CA LEU A 86 7.00 8.50 10.87
C LEU A 86 6.94 7.03 11.30
N MET A 87 6.05 6.28 10.67
CA MET A 87 5.86 4.88 11.03
C MET A 87 7.08 4.03 10.69
N ILE A 88 7.66 4.22 9.50
CA ILE A 88 8.80 3.38 9.14
C ILE A 88 9.98 3.71 10.06
N GLY A 89 10.11 4.99 10.43
CA GLY A 89 11.15 5.34 11.38
C GLY A 89 10.97 4.68 12.74
N LEU A 90 9.73 4.68 13.24
CA LEU A 90 9.41 4.04 14.51
C LEU A 90 9.71 2.55 14.45
N VAL A 91 9.30 1.89 13.37
CA VAL A 91 9.54 0.45 13.25
C VAL A 91 11.04 0.16 13.24
N TRP A 92 11.81 0.97 12.52
CA TRP A 92 13.25 0.84 12.48
C TRP A 92 13.87 0.98 13.89
N ARG A 93 13.50 2.04 14.62
CA ARG A 93 14.03 2.25 15.98
C ARG A 93 13.68 1.10 16.91
N SER A 94 12.60 0.39 16.60
CA SER A 94 12.06 -0.63 17.49
C SER A 94 12.57 -2.03 17.18
N MET A 95 13.32 -2.15 16.08
CA MET A 95 13.69 -3.45 15.56
C MET A 95 14.38 -4.34 16.59
N GLU A 96 15.22 -3.74 17.43
CA GLU A 96 15.98 -4.48 18.44
C GLU A 96 15.28 -4.58 19.80
N HIS A 97 14.00 -4.20 19.85
CA HIS A 97 13.22 -4.30 21.08
C HIS A 97 11.95 -5.09 20.86
N PRO A 98 12.08 -6.42 20.75
CA PRO A 98 10.90 -7.25 20.44
C PRO A 98 9.74 -6.97 21.39
N GLY A 99 8.56 -6.75 20.82
CA GLY A 99 7.37 -6.53 21.61
C GLY A 99 7.15 -5.13 22.11
N LYS A 100 8.07 -4.21 21.80
CA LYS A 100 7.91 -2.83 22.23
C LYS A 100 8.10 -1.88 21.06
N LEU A 101 7.51 -0.69 21.19
CA LEU A 101 7.69 0.35 20.20
C LEU A 101 8.51 1.48 20.83
N LEU A 102 9.66 1.80 20.23
CA LEU A 102 10.55 2.82 20.78
C LEU A 102 10.21 4.17 20.15
N PHE A 103 9.18 4.81 20.69
CA PHE A 103 8.77 6.10 20.17
C PHE A 103 9.90 7.09 20.34
N ALA A 104 10.53 7.01 21.52
CA ALA A 104 11.73 7.77 21.83
C ALA A 104 12.57 6.97 22.81
N PRO A 105 13.84 7.36 23.02
CA PRO A 105 14.66 6.56 23.94
C PRO A 105 14.09 6.52 25.35
N ASN A 106 13.31 7.54 25.70
CA ASN A 106 12.64 7.60 27.00
C ASN A 106 11.15 7.27 26.96
N LEU A 107 10.69 6.74 25.83
CA LEU A 107 9.29 6.36 25.67
C LEU A 107 9.21 5.06 24.89
N LEU A 108 9.27 3.95 25.61
CA LEU A 108 9.20 2.62 25.02
C LEU A 108 7.90 2.00 25.51
N LEU A 109 6.99 1.72 24.58
CA LEU A 109 5.65 1.25 24.93
C LEU A 109 5.38 -0.16 24.40
N ASP A 110 4.65 -0.95 25.19
CA ASP A 110 4.24 -2.28 24.72
C ASP A 110 2.76 -2.28 24.37
N ARG A 111 2.25 -3.39 23.84
CA ARG A 111 0.87 -3.40 23.36
C ARG A 111 -0.14 -3.13 24.47
N ASN A 112 0.14 -3.61 25.67
CA ASN A 112 -0.76 -3.38 26.80
C ASN A 112 -0.96 -1.90 27.07
N GLN A 113 0.12 -1.13 26.92
CA GLN A 113 0.05 0.31 27.14
C GLN A 113 -0.73 1.00 26.03
N GLY A 114 -0.74 0.41 24.84
CA GLY A 114 -1.51 0.94 23.74
C GLY A 114 -3.01 0.94 24.02
N LYS A 115 -3.44 0.07 24.93
CA LYS A 115 -4.86 -0.04 25.26
C LYS A 115 -5.36 1.18 26.03
N CYS A 116 -4.42 2.00 26.49
CA CYS A 116 -4.74 3.24 27.17
C CYS A 116 -5.57 4.17 26.30
N VAL A 117 -5.40 4.04 24.98
CA VAL A 117 -6.07 4.90 24.02
C VAL A 117 -7.03 4.07 23.19
N GLU A 118 -8.28 4.51 23.12
CA GLU A 118 -9.30 3.82 22.35
C GLU A 118 -8.86 3.60 20.90
N GLY A 119 -8.98 2.37 20.42
CA GLY A 119 -8.68 2.04 19.03
C GLY A 119 -7.20 1.95 18.68
N MET A 120 -6.33 2.14 19.66
CA MET A 120 -4.89 2.19 19.41
C MET A 120 -4.19 0.84 19.34
N VAL A 121 -4.63 -0.10 20.16
CA VAL A 121 -3.90 -1.35 20.27
C VAL A 121 -3.81 -2.07 18.93
N GLU A 122 -4.86 -1.98 18.12
CA GLU A 122 -4.83 -2.62 16.81
C GLU A 122 -3.72 -2.04 15.92
N ILE A 123 -3.47 -0.75 16.06
CA ILE A 123 -2.43 -0.10 15.28
C ILE A 123 -1.05 -0.49 15.84
N PHE A 124 -0.92 -0.52 17.16
CA PHE A 124 0.31 -1.00 17.78
C PHE A 124 0.67 -2.40 17.29
N ASP A 125 -0.32 -3.29 17.24
CA ASP A 125 -0.08 -4.67 16.80
C ASP A 125 0.47 -4.73 15.39
N MET A 126 -0.07 -3.90 14.49
CA MET A 126 0.43 -3.84 13.13
C MET A 126 1.86 -3.34 13.08
N LEU A 127 2.14 -2.29 13.85
CA LEU A 127 3.50 -1.76 13.91
C LEU A 127 4.49 -2.78 14.47
N LEU A 128 4.10 -3.49 15.53
CA LEU A 128 4.93 -4.54 16.12
C LEU A 128 5.22 -5.68 15.15
N ALA A 129 4.22 -6.07 14.35
CA ALA A 129 4.40 -7.10 13.33
C ALA A 129 5.39 -6.66 12.26
N THR A 130 5.35 -5.38 11.88
CA THR A 130 6.29 -4.85 10.89
C THR A 130 7.69 -4.88 11.47
N SER A 131 7.82 -4.55 12.75
CA SER A 131 9.11 -4.58 13.41
C SER A 131 9.66 -6.00 13.41
N SER A 132 8.79 -6.97 13.71
CA SER A 132 9.16 -8.37 13.70
CA SER A 132 9.15 -8.38 13.69
C SER A 132 9.62 -8.82 12.31
N ARG A 133 8.96 -8.31 11.28
CA ARG A 133 9.31 -8.68 9.90
C ARG A 133 10.69 -8.13 9.52
N PHE A 134 10.96 -6.87 9.90
CA PHE A 134 12.28 -6.27 9.75
C PHE A 134 13.35 -7.13 10.42
N ARG A 135 13.07 -7.60 11.63
CA ARG A 135 13.99 -8.47 12.34
C ARG A 135 14.26 -9.77 11.58
N MET A 136 13.19 -10.43 11.13
CA MET A 136 13.31 -11.67 10.37
C MET A 136 14.22 -11.50 9.16
N MET A 137 14.07 -10.37 8.48
CA MET A 137 14.81 -10.10 7.26
C MET A 137 16.21 -9.56 7.51
N ASN A 138 16.49 -9.24 8.76
CA ASN A 138 17.73 -8.57 9.12
C ASN A 138 17.93 -7.30 8.30
N LEU A 139 16.92 -6.44 8.29
CA LEU A 139 17.00 -5.20 7.52
C LEU A 139 18.21 -4.38 7.93
N GLN A 140 18.94 -3.88 6.93
CA GLN A 140 20.15 -3.10 7.18
C GLN A 140 19.84 -1.60 7.12
N GLY A 141 20.65 -0.81 7.82
CA GLY A 141 20.48 0.64 7.85
C GLY A 141 20.47 1.26 6.46
N GLU A 142 21.40 0.81 5.62
CA GLU A 142 21.47 1.32 4.25
C GLU A 142 20.20 1.00 3.46
N GLU A 143 19.58 -0.15 3.74
CA GLU A 143 18.33 -0.52 3.09
C GLU A 143 17.18 0.33 3.62
N PHE A 144 17.16 0.54 4.93
CA PHE A 144 16.13 1.34 5.56
C PHE A 144 16.09 2.76 4.96
N VAL A 145 17.24 3.42 4.84
CA VAL A 145 17.19 4.78 4.28
C VAL A 145 16.72 4.81 2.82
N CYS A 146 17.04 3.77 2.06
CA CYS A 146 16.49 3.69 0.70
C CYS A 146 14.96 3.57 0.72
N LEU A 147 14.43 2.70 1.58
CA LEU A 147 12.98 2.50 1.64
C LEU A 147 12.26 3.77 2.06
N LYS A 148 12.84 4.50 3.03
CA LYS A 148 12.19 5.70 3.51
C LYS A 148 12.10 6.76 2.39
N SER A 149 13.16 6.88 1.58
CA SER A 149 13.14 7.84 0.48
CA SER A 149 13.16 7.83 0.46
C SER A 149 12.18 7.39 -0.64
N ILE A 150 12.05 6.08 -0.84
CA ILE A 150 11.06 5.56 -1.79
C ILE A 150 9.65 5.92 -1.35
N ILE A 151 9.37 5.80 -0.05
CA ILE A 151 8.05 6.22 0.45
C ILE A 151 7.77 7.68 0.13
N LEU A 152 8.74 8.54 0.40
CA LEU A 152 8.57 9.96 0.13
C LEU A 152 8.20 10.23 -1.33
N LEU A 153 8.93 9.59 -2.23
CA LEU A 153 8.78 9.86 -3.67
C LEU A 153 7.58 9.16 -4.30
N ASN A 154 7.23 8.00 -3.77
CA ASN A 154 6.18 7.16 -4.38
C ASN A 154 4.76 7.38 -3.86
N SER A 155 4.60 7.68 -2.58
CA SER A 155 3.26 7.57 -2.00
C SER A 155 2.23 8.50 -2.64
N GLY A 156 2.66 9.68 -3.04
CA GLY A 156 1.75 10.63 -3.65
C GLY A 156 1.86 10.76 -5.17
N VAL A 157 2.70 9.92 -5.79
CA VAL A 157 3.02 10.12 -7.20
C VAL A 157 1.84 9.85 -8.15
N TYR A 158 0.84 9.11 -7.69
CA TYR A 158 -0.33 8.83 -8.55
C TYR A 158 -1.57 9.64 -8.20
N THR A 159 -1.41 10.64 -7.34
CA THR A 159 -2.54 11.47 -6.92
C THR A 159 -2.31 12.96 -7.11
N PHE A 160 -1.28 13.32 -7.87
CA PHE A 160 -1.05 14.72 -8.20
C PHE A 160 -2.26 15.29 -8.94
N THR A 164 -2.25 19.77 -16.70
CA THR A 164 -1.62 20.01 -18.00
C THR A 164 -0.61 18.93 -18.34
N LEU A 165 -0.24 18.73 -19.63
CA LEU A 165 0.80 17.82 -20.12
C LEU A 165 2.16 18.26 -19.58
N LYS A 166 2.28 19.57 -19.36
CA LYS A 166 3.53 20.08 -18.82
C LYS A 166 3.70 19.65 -17.37
N SER A 167 2.60 19.56 -16.65
CA SER A 167 2.62 19.15 -15.25
C SER A 167 2.68 17.63 -15.13
N LEU A 168 2.78 16.93 -16.26
CA LEU A 168 2.82 15.48 -16.27
C LEU A 168 4.25 14.92 -16.20
N GLU A 169 5.22 15.68 -16.68
CA GLU A 169 6.60 15.21 -16.67
C GLU A 169 7.38 15.74 -15.47
N GLU A 170 6.70 16.44 -14.58
CA GLU A 170 7.24 16.66 -13.25
C GLU A 170 7.34 15.26 -12.67
N LYS A 171 6.36 14.43 -13.04
CA LYS A 171 6.26 13.05 -12.56
C LYS A 171 7.35 12.12 -13.12
N ASP A 172 7.78 12.36 -14.36
CA ASP A 172 8.78 11.48 -14.97
C ASP A 172 10.10 11.52 -14.21
N HIS A 173 10.47 12.70 -13.74
CA HIS A 173 11.69 12.89 -12.96
C HIS A 173 11.65 12.05 -11.67
N ILE A 174 10.50 12.06 -11.02
CA ILE A 174 10.28 11.23 -9.84
C ILE A 174 10.51 9.73 -10.13
N HIS A 175 9.95 9.25 -11.24
CA HIS A 175 10.14 7.85 -11.60
C HIS A 175 11.62 7.56 -11.87
N ARG A 176 12.33 8.50 -12.47
CA ARG A 176 13.76 8.32 -12.71
C ARG A 176 14.57 8.23 -11.42
N VAL A 177 14.23 9.05 -10.42
CA VAL A 177 14.93 9.01 -9.16
C VAL A 177 14.61 7.70 -8.42
N LEU A 178 13.35 7.28 -8.50
CA LEU A 178 12.95 6.01 -7.91
C LEU A 178 13.75 4.85 -8.52
N ASP A 179 13.99 4.91 -9.83
CA ASP A 179 14.77 3.87 -10.49
C ASP A 179 16.20 3.85 -9.96
N LYS A 180 16.76 5.02 -9.70
CA LYS A 180 18.10 5.11 -9.15
C LYS A 180 18.17 4.48 -7.76
N ILE A 181 17.12 4.69 -6.95
CA ILE A 181 17.10 4.08 -5.64
C ILE A 181 16.98 2.55 -5.74
N THR A 182 16.20 2.06 -6.69
CA THR A 182 16.19 0.62 -6.92
C THR A 182 17.58 0.12 -7.25
N ASP A 183 18.27 0.82 -8.13
CA ASP A 183 19.63 0.47 -8.51
C ASP A 183 20.51 0.38 -7.27
N THR A 184 20.31 1.34 -6.36
CA THR A 184 21.09 1.42 -5.14
C THR A 184 20.83 0.21 -4.22
N LEU A 185 19.56 -0.14 -4.04
CA LEU A 185 19.20 -1.31 -3.25
C LEU A 185 19.85 -2.58 -3.79
N ILE A 186 19.79 -2.75 -5.10
CA ILE A 186 20.39 -3.93 -5.73
C ILE A 186 21.91 -3.93 -5.51
N HIS A 187 22.52 -2.76 -5.63
CA HIS A 187 23.94 -2.60 -5.41
C HIS A 187 24.34 -3.04 -3.98
N LEU A 188 23.57 -2.59 -3.00
CA LEU A 188 23.84 -2.95 -1.60
C LEU A 188 23.76 -4.46 -1.41
N MET A 189 22.77 -5.09 -2.03
CA MET A 189 22.59 -6.53 -1.88
C MET A 189 23.69 -7.32 -2.56
N ALA A 190 24.10 -6.87 -3.75
CA ALA A 190 25.20 -7.53 -4.46
C ALA A 190 26.48 -7.44 -3.63
N LYS A 191 26.73 -6.28 -3.05
CA LYS A 191 27.93 -6.09 -2.24
C LYS A 191 27.87 -6.95 -0.98
N ALA A 192 26.67 -7.26 -0.52
CA ALA A 192 26.47 -8.14 0.63
C ALA A 192 26.61 -9.62 0.28
N GLY A 193 26.85 -9.92 -0.99
CA GLY A 193 27.13 -11.28 -1.41
C GLY A 193 25.92 -12.10 -1.83
N LEU A 194 24.76 -11.47 -1.93
CA LEU A 194 23.59 -12.19 -2.40
C LEU A 194 23.70 -12.55 -3.87
N THR A 195 23.16 -13.70 -4.24
CA THR A 195 23.07 -14.11 -5.64
C THR A 195 22.04 -13.25 -6.37
N LEU A 196 22.08 -13.26 -7.70
CA LEU A 196 21.08 -12.53 -8.48
C LEU A 196 19.65 -12.89 -8.08
N GLN A 197 19.39 -14.19 -7.92
CA GLN A 197 18.06 -14.63 -7.48
C GLN A 197 17.72 -14.07 -6.10
N GLN A 198 18.67 -14.12 -5.18
CA GLN A 198 18.42 -13.60 -3.84
C GLN A 198 18.20 -12.08 -3.86
N GLN A 199 18.88 -11.40 -4.76
CA GLN A 199 18.74 -9.96 -4.89
C GLN A 199 17.32 -9.57 -5.31
N HIS A 200 16.78 -10.22 -6.35
CA HIS A 200 15.42 -9.89 -6.79
CA HIS A 200 15.43 -9.83 -6.75
C HIS A 200 14.40 -10.29 -5.72
N GLN A 201 14.65 -11.41 -5.07
CA GLN A 201 13.72 -11.87 -4.03
C GLN A 201 13.66 -10.90 -2.85
N ARG A 202 14.83 -10.43 -2.41
CA ARG A 202 14.87 -9.52 -1.28
C ARG A 202 14.31 -8.15 -1.65
N LEU A 203 14.61 -7.70 -2.87
CA LEU A 203 14.04 -6.45 -3.34
C LEU A 203 12.51 -6.50 -3.26
N ALA A 204 11.91 -7.59 -3.70
CA ALA A 204 10.46 -7.73 -3.65
C ALA A 204 9.96 -7.78 -2.20
N GLN A 205 10.65 -8.52 -1.34
CA GLN A 205 10.24 -8.63 0.05
C GLN A 205 10.21 -7.24 0.68
N LEU A 206 11.24 -6.44 0.39
CA LEU A 206 11.32 -5.10 0.99
C LEU A 206 10.20 -4.20 0.46
N LEU A 207 9.96 -4.23 -0.85
CA LEU A 207 8.95 -3.35 -1.41
C LEU A 207 7.53 -3.75 -1.03
N LEU A 208 7.31 -5.05 -0.82
CA LEU A 208 5.98 -5.51 -0.38
C LEU A 208 5.63 -4.99 1.02
N ILE A 209 6.65 -4.78 1.87
CA ILE A 209 6.38 -4.19 3.18
C ILE A 209 5.77 -2.79 3.06
N LEU A 210 6.08 -2.10 1.96
CA LEU A 210 5.53 -0.75 1.78
C LEU A 210 4.00 -0.73 1.65
N SER A 211 3.41 -1.83 1.18
CA SER A 211 1.95 -1.90 1.10
CA SER A 211 1.96 -1.98 1.09
C SER A 211 1.36 -2.00 2.49
N HIS A 212 2.02 -2.73 3.37
CA HIS A 212 1.61 -2.81 4.76
CA HIS A 212 1.61 -2.80 4.77
C HIS A 212 1.77 -1.46 5.47
N ILE A 213 2.86 -0.75 5.17
CA ILE A 213 3.09 0.56 5.77
C ILE A 213 2.01 1.54 5.28
N ARG A 214 1.62 1.46 4.00
CA ARG A 214 0.52 2.29 3.54
C ARG A 214 -0.77 1.98 4.31
N HIS A 215 -1.06 0.69 4.48
CA HIS A 215 -2.26 0.28 5.20
C HIS A 215 -2.27 0.86 6.63
N MET A 216 -1.14 0.71 7.32
CA MET A 216 -1.03 1.25 8.68
C MET A 216 -1.23 2.76 8.72
N SER A 217 -0.67 3.47 7.75
CA SER A 217 -0.84 4.92 7.70
C SER A 217 -2.30 5.28 7.47
N ASN A 218 -3.00 4.56 6.59
CA ASN A 218 -4.41 4.85 6.39
C ASN A 218 -5.23 4.64 7.66
N LYS A 219 -4.95 3.56 8.38
CA LYS A 219 -5.65 3.29 9.63
C LYS A 219 -5.29 4.32 10.69
N GLY A 220 -4.01 4.67 10.77
CA GLY A 220 -3.55 5.65 11.74
C GLY A 220 -4.13 7.02 11.48
N MET A 221 -4.35 7.35 10.22
CA MET A 221 -4.88 8.67 9.88
C MET A 221 -6.32 8.75 10.34
N GLU A 222 -7.07 7.66 10.14
CA GLU A 222 -8.44 7.62 10.62
C GLU A 222 -8.48 7.67 12.14
N HIS A 223 -7.51 7.03 12.79
CA HIS A 223 -7.45 7.08 14.24
C HIS A 223 -7.22 8.51 14.75
N LEU A 224 -6.24 9.19 14.18
CA LEU A 224 -5.90 10.54 14.58
C LEU A 224 -7.09 11.47 14.35
N TYR A 225 -7.75 11.32 13.21
CA TYR A 225 -8.93 12.11 12.90
C TYR A 225 -9.99 11.92 13.97
N SER A 226 -10.18 10.67 14.40
CA SER A 226 -11.13 10.35 15.47
CA SER A 226 -11.14 10.37 15.45
C SER A 226 -10.76 11.03 16.79
N MET A 227 -9.47 11.08 17.11
CA MET A 227 -9.02 11.71 18.35
C MET A 227 -9.24 13.22 18.28
N LYS A 228 -9.04 13.78 17.13
CA LYS A 228 -9.33 15.17 16.92
C LYS A 228 -10.79 15.47 17.14
N CSO A 229 -11.66 14.72 16.47
CA CSO A 229 -13.12 14.95 16.57
CB CSO A 229 -13.86 13.98 15.67
SG CSO A 229 -13.58 14.39 13.98
C CSO A 229 -13.59 14.79 17.95
O CSO A 229 -14.50 15.44 18.34
OD CSO A 229 -13.78 16.13 13.65
N LYS A 230 -12.97 13.94 18.71
CA LYS A 230 -13.37 13.71 20.05
C LYS A 230 -12.79 14.72 21.02
N ASN A 231 -11.94 15.56 20.52
CA ASN A 231 -11.26 16.59 21.30
C ASN A 231 -10.44 15.98 22.43
N VAL A 232 -9.88 14.80 22.18
CA VAL A 232 -9.06 14.09 23.15
C VAL A 232 -7.86 14.93 23.59
N VAL A 233 -7.16 15.52 22.62
CA VAL A 233 -6.11 16.49 22.91
C VAL A 233 -6.01 17.49 21.77
N PRO A 234 -5.49 18.69 22.05
CA PRO A 234 -5.27 19.66 20.97
C PRO A 234 -4.08 19.24 20.13
N LEU A 235 -4.21 19.37 18.83
CA LEU A 235 -3.13 19.05 17.91
C LEU A 235 -2.49 20.34 17.45
N SER A 236 -1.19 20.31 17.22
CA SER A 236 -0.50 21.47 16.68
C SER A 236 -1.11 21.88 15.35
N ASP A 237 -0.87 23.13 14.97
CA ASP A 237 -1.31 23.65 13.69
C ASP A 237 -0.75 22.87 12.50
N LEU A 238 0.53 22.52 12.57
CA LEU A 238 1.15 21.75 11.51
C LEU A 238 0.49 20.37 11.37
N LEU A 239 0.26 19.72 12.51
CA LEU A 239 -0.28 18.36 12.49
C LEU A 239 -1.72 18.39 11.98
N LEU A 240 -2.49 19.40 12.38
CA LEU A 240 -3.86 19.56 11.89
C LEU A 240 -3.90 19.76 10.38
N GLU A 241 -2.96 20.55 9.88
CA GLU A 241 -2.84 20.80 8.45
CA GLU A 241 -2.89 20.78 8.44
C GLU A 241 -2.48 19.54 7.67
N MET A 242 -1.58 18.73 8.21
CA MET A 242 -1.13 17.50 7.57
C MET A 242 -2.26 16.47 7.58
N LEU A 243 -3.05 16.51 8.64
CA LEU A 243 -4.19 15.63 8.79
C LEU A 243 -5.29 16.05 7.81
N ASP A 244 -5.54 17.37 7.72
CA ASP A 244 -6.59 17.90 6.87
C ASP A 244 -6.36 17.63 5.39
N ALA A 245 -5.10 17.49 5.00
CA ALA A 245 -4.74 17.15 3.63
C ALA A 245 -5.33 15.82 3.16
N HIS A 246 -5.71 14.95 4.10
CA HIS A 246 -6.24 13.63 3.75
C HIS A 246 -7.76 13.64 3.65
N ARG A 247 -8.36 14.72 4.15
CA ARG A 247 -9.77 15.02 3.91
C ARG A 247 -10.72 13.91 4.38
N LEU A 248 -10.50 13.42 5.59
CA LEU A 248 -11.34 12.36 6.15
C LEU A 248 -12.68 12.90 6.64
N ASN B 3 4.95 -30.98 2.53
CA ASN B 3 5.55 -30.14 1.49
C ASN B 3 4.58 -29.73 0.37
N SER B 4 4.70 -28.47 -0.05
CA SER B 4 3.78 -27.87 -1.01
C SER B 4 4.25 -28.06 -2.46
N LEU B 5 3.35 -28.51 -3.33
CA LEU B 5 3.69 -28.75 -4.73
C LEU B 5 4.07 -27.46 -5.47
N ALA B 6 3.53 -26.34 -4.99
CA ALA B 6 3.76 -25.05 -5.63
C ALA B 6 5.25 -24.73 -5.78
N LEU B 7 6.05 -25.17 -4.82
CA LEU B 7 7.47 -24.82 -4.81
C LEU B 7 8.27 -25.61 -5.84
N SER B 8 7.69 -26.70 -6.35
CA SER B 8 8.36 -27.51 -7.36
C SER B 8 8.11 -27.02 -8.79
N LEU B 9 7.17 -26.09 -8.95
CA LEU B 9 6.83 -25.63 -10.30
C LEU B 9 7.95 -24.80 -10.91
N THR B 10 8.18 -24.99 -12.20
CA THR B 10 9.05 -24.10 -12.96
C THR B 10 8.30 -22.80 -13.21
N ALA B 11 9.01 -21.77 -13.68
CA ALA B 11 8.38 -20.49 -13.96
C ALA B 11 7.30 -20.64 -15.03
N ASP B 12 7.55 -21.45 -16.04
CA ASP B 12 6.58 -21.67 -17.11
C ASP B 12 5.34 -22.38 -16.58
N GLN B 13 5.54 -23.34 -15.69
CA GLN B 13 4.41 -24.03 -15.06
C GLN B 13 3.58 -23.08 -14.20
N MET B 14 4.25 -22.21 -13.44
CA MET B 14 3.55 -21.22 -12.65
CA MET B 14 3.56 -21.19 -12.64
C MET B 14 2.72 -20.26 -13.51
N VAL B 15 3.31 -19.77 -14.60
CA VAL B 15 2.61 -18.86 -15.50
C VAL B 15 1.37 -19.52 -16.10
N SER B 16 1.51 -20.75 -16.55
CA SER B 16 0.39 -21.48 -17.14
CA SER B 16 0.39 -21.46 -17.14
C SER B 16 -0.71 -21.75 -16.13
N ALA B 17 -0.33 -22.07 -14.89
CA ALA B 17 -1.32 -22.31 -13.84
C ALA B 17 -2.12 -21.05 -13.51
N LEU B 18 -1.43 -19.92 -13.40
CA LEU B 18 -2.11 -18.66 -13.12
C LEU B 18 -3.02 -18.22 -14.27
N LEU B 19 -2.56 -18.41 -15.51
CA LEU B 19 -3.41 -18.05 -16.64
C LEU B 19 -4.66 -18.93 -16.67
N ASP B 20 -4.48 -20.23 -16.37
CA ASP B 20 -5.58 -21.19 -16.36
C ASP B 20 -6.63 -20.86 -15.29
N ALA B 21 -6.18 -20.23 -14.21
CA ALA B 21 -7.02 -19.97 -13.04
C ALA B 21 -7.91 -18.74 -13.21
N GLU B 22 -7.65 -17.96 -14.26
CA GLU B 22 -8.31 -16.67 -14.43
C GLU B 22 -9.83 -16.80 -14.44
N PRO B 23 -10.51 -15.93 -13.69
CA PRO B 23 -11.97 -15.90 -13.65
C PRO B 23 -12.53 -15.30 -14.93
N PRO B 24 -13.80 -15.59 -15.23
CA PRO B 24 -14.43 -15.01 -16.41
C PRO B 24 -14.70 -13.52 -16.26
N ILE B 25 -14.91 -12.86 -17.40
CA ILE B 25 -15.36 -11.49 -17.40
C ILE B 25 -16.89 -11.50 -17.39
N LEU B 26 -17.46 -10.93 -16.33
CA LEU B 26 -18.92 -10.92 -16.16
C LEU B 26 -19.56 -9.67 -16.75
N TYR B 27 -20.86 -9.79 -17.04
CA TYR B 27 -21.64 -8.67 -17.53
C TYR B 27 -22.47 -8.02 -16.43
N SER B 28 -22.81 -6.75 -16.65
CA SER B 28 -23.80 -6.04 -15.83
C SER B 28 -25.19 -6.19 -16.47
N GLU B 29 -26.16 -5.41 -16.02
CA GLU B 29 -27.52 -5.45 -16.60
C GLU B 29 -27.57 -4.85 -18.01
N TYR B 30 -28.50 -5.33 -18.84
CA TYR B 30 -28.60 -4.85 -20.22
C TYR B 30 -29.51 -3.64 -20.39
N ASP B 31 -30.10 -3.19 -19.28
CA ASP B 31 -30.96 -2.01 -19.29
C ASP B 31 -30.14 -0.76 -19.61
N PRO B 32 -30.43 -0.11 -20.76
CA PRO B 32 -29.63 1.02 -21.23
C PRO B 32 -30.12 2.36 -20.70
N THR B 33 -30.87 2.35 -19.60
CA THR B 33 -31.38 3.58 -19.01
C THR B 33 -30.26 4.50 -18.52
N ARG B 34 -30.20 5.69 -19.10
CA ARG B 34 -29.21 6.69 -18.70
C ARG B 34 -29.92 8.03 -18.50
N PRO B 35 -29.35 8.90 -17.66
CA PRO B 35 -28.15 8.65 -16.85
C PRO B 35 -28.46 7.82 -15.61
N PHE B 36 -27.44 7.44 -14.86
CA PHE B 36 -27.62 6.70 -13.62
C PHE B 36 -28.04 7.62 -12.47
N SER B 37 -28.57 7.02 -11.41
CA SER B 37 -28.74 7.72 -10.13
C SER B 37 -27.70 7.15 -9.15
N GLU B 38 -27.57 7.76 -7.97
CA GLU B 38 -26.62 7.22 -7.00
C GLU B 38 -26.99 5.78 -6.63
N ALA B 39 -28.27 5.54 -6.37
CA ALA B 39 -28.73 4.20 -6.00
C ALA B 39 -28.59 3.20 -7.15
N SER B 40 -28.95 3.59 -8.38
CA SER B 40 -28.88 2.65 -9.49
C SER B 40 -27.43 2.30 -9.84
N MET B 41 -26.55 3.29 -9.77
CA MET B 41 -25.14 2.99 -10.01
CA MET B 41 -25.12 3.05 -9.97
C MET B 41 -24.55 2.12 -8.91
N MET B 42 -24.78 2.47 -7.65
CA MET B 42 -24.23 1.64 -6.57
C MET B 42 -24.84 0.25 -6.63
N GLY B 43 -26.07 0.16 -7.10
CA GLY B 43 -26.72 -1.13 -7.24
C GLY B 43 -26.01 -2.02 -8.25
N LEU B 44 -25.70 -1.46 -9.41
CA LEU B 44 -25.06 -2.24 -10.47
C LEU B 44 -23.66 -2.66 -10.04
N LEU B 45 -22.93 -1.73 -9.44
CA LEU B 45 -21.54 -2.00 -9.05
C LEU B 45 -21.45 -3.08 -7.97
N THR B 46 -22.33 -3.00 -6.97
CA THR B 46 -22.32 -3.99 -5.89
C THR B 46 -22.90 -5.35 -6.31
N ASN B 47 -23.87 -5.35 -7.22
CA ASN B 47 -24.40 -6.60 -7.77
C ASN B 47 -23.28 -7.33 -8.54
N LEU B 48 -22.51 -6.56 -9.29
CA LEU B 48 -21.39 -7.09 -10.06
C LEU B 48 -20.30 -7.63 -9.13
N ALA B 49 -19.93 -6.82 -8.13
CA ALA B 49 -18.90 -7.24 -7.17
C ALA B 49 -19.27 -8.55 -6.48
N ASP B 50 -20.53 -8.67 -6.09
CA ASP B 50 -20.98 -9.88 -5.42
C ASP B 50 -20.82 -11.10 -6.31
N ARG B 51 -21.24 -10.98 -7.56
CA ARG B 51 -21.07 -12.11 -8.48
C ARG B 51 -19.59 -12.40 -8.75
N GLU B 52 -18.77 -11.36 -8.87
CA GLU B 52 -17.34 -11.56 -9.09
C GLU B 52 -16.67 -12.25 -7.91
N LEU B 53 -17.17 -12.00 -6.70
CA LEU B 53 -16.56 -12.58 -5.51
C LEU B 53 -16.65 -14.10 -5.51
N VAL B 54 -17.76 -14.63 -6.01
CA VAL B 54 -17.90 -16.06 -6.05
C VAL B 54 -16.83 -16.66 -6.95
N HIS B 55 -16.57 -16.02 -8.08
CA HIS B 55 -15.54 -16.51 -9.01
C HIS B 55 -14.14 -16.28 -8.46
N MET B 56 -13.98 -15.20 -7.69
CA MET B 56 -12.68 -14.90 -7.08
C MET B 56 -12.28 -16.01 -6.12
N ILE B 57 -13.24 -16.51 -5.35
CA ILE B 57 -12.96 -17.60 -4.41
C ILE B 57 -12.48 -18.85 -5.16
N ASN B 58 -13.15 -19.17 -6.27
CA ASN B 58 -12.71 -20.27 -7.13
CA ASN B 58 -12.73 -20.29 -7.12
C ASN B 58 -11.34 -20.08 -7.71
N TRP B 59 -11.05 -18.85 -8.12
CA TRP B 59 -9.73 -18.51 -8.64
C TRP B 59 -8.66 -18.71 -7.56
N ALA B 60 -8.93 -18.23 -6.34
CA ALA B 60 -7.91 -18.28 -5.29
C ALA B 60 -7.49 -19.73 -5.02
N LYS B 61 -8.46 -20.65 -5.09
CA LYS B 61 -8.18 -22.06 -4.80
C LYS B 61 -7.25 -22.67 -5.85
N ARG B 62 -7.14 -22.00 -7.00
CA ARG B 62 -6.29 -22.46 -8.07
C ARG B 62 -4.94 -21.75 -8.15
N VAL B 63 -4.69 -20.80 -7.25
CA VAL B 63 -3.39 -20.16 -7.15
C VAL B 63 -2.47 -21.12 -6.41
N PRO B 64 -1.39 -21.56 -7.08
CA PRO B 64 -0.49 -22.55 -6.48
C PRO B 64 -0.07 -22.14 -5.09
N GLY B 65 -0.22 -23.05 -4.13
CA GLY B 65 0.15 -22.78 -2.75
C GLY B 65 -1.00 -22.35 -1.85
N PHE B 66 -2.04 -21.76 -2.42
CA PHE B 66 -3.13 -21.27 -1.61
C PHE B 66 -3.86 -22.38 -0.82
N VAL B 67 -4.17 -23.49 -1.47
CA VAL B 67 -4.95 -24.52 -0.79
C VAL B 67 -4.10 -25.36 0.18
N ASP B 68 -2.80 -25.09 0.24
CA ASP B 68 -1.94 -25.75 1.22
C ASP B 68 -2.08 -25.07 2.59
N LEU B 69 -2.72 -23.90 2.60
CA LEU B 69 -2.99 -23.18 3.83
C LEU B 69 -4.22 -23.75 4.53
N THR B 70 -4.32 -23.56 5.83
CA THR B 70 -5.52 -23.92 6.56
C THR B 70 -6.68 -23.07 6.06
N LEU B 71 -7.91 -23.55 6.29
CA LEU B 71 -9.09 -22.79 5.92
C LEU B 71 -9.07 -21.40 6.55
N HIS B 72 -8.71 -21.35 7.84
CA HIS B 72 -8.65 -20.06 8.56
C HIS B 72 -7.73 -19.06 7.87
N ASP B 73 -6.57 -19.53 7.42
CA ASP B 73 -5.61 -18.65 6.75
C ASP B 73 -6.11 -18.21 5.38
N GLN B 74 -6.80 -19.12 4.68
CA GLN B 74 -7.38 -18.79 3.38
C GLN B 74 -8.42 -17.68 3.55
N VAL B 75 -9.28 -17.84 4.56
CA VAL B 75 -10.32 -16.86 4.84
C VAL B 75 -9.70 -15.50 5.15
N HIS B 76 -8.69 -15.48 6.02
CA HIS B 76 -8.02 -14.23 6.36
C HIS B 76 -7.47 -13.50 5.13
N LEU B 77 -6.75 -14.22 4.27
CA LEU B 77 -6.14 -13.57 3.12
C LEU B 77 -7.22 -12.98 2.19
N LEU B 78 -8.29 -13.74 1.93
CA LEU B 78 -9.34 -13.22 1.05
C LEU B 78 -10.09 -12.04 1.68
N GLU B 79 -10.34 -12.11 2.98
CA GLU B 79 -11.03 -10.99 3.64
C GLU B 79 -10.18 -9.72 3.55
N CSO B 80 -8.86 -9.86 3.69
CA CSO B 80 -7.98 -8.70 3.64
CA CSO B 80 -7.96 -8.71 3.61
CB CSO B 80 -6.60 -9.06 4.20
CB CSO B 80 -6.56 -9.10 4.08
SG CSO B 80 -5.46 -7.65 4.15
SG CSO B 80 -6.59 -9.35 5.87
C CSO B 80 -7.86 -8.13 2.22
O CSO B 80 -7.88 -6.91 2.04
OD CSO B 80 -6.06 -6.31 5.18
OD CSO B 80 -7.15 -7.86 6.67
N ALA B 81 -7.78 -9.00 1.22
CA ALA B 81 -7.42 -8.60 -0.14
C ALA B 81 -8.55 -8.42 -1.14
N TRP B 82 -9.77 -8.82 -0.82
CA TRP B 82 -10.81 -8.93 -1.85
C TRP B 82 -11.00 -7.67 -2.70
N LEU B 83 -10.98 -6.50 -2.07
CA LEU B 83 -11.24 -5.27 -2.83
C LEU B 83 -10.02 -4.87 -3.67
N GLU B 84 -8.81 -5.10 -3.14
CA GLU B 84 -7.60 -4.89 -3.93
C GLU B 84 -7.64 -5.76 -5.19
N ILE B 85 -8.12 -6.99 -5.04
CA ILE B 85 -8.18 -7.92 -6.16
C ILE B 85 -9.26 -7.49 -7.20
N LEU B 86 -10.42 -7.05 -6.72
CA LEU B 86 -11.44 -6.52 -7.65
C LEU B 86 -10.87 -5.31 -8.37
N MET B 87 -10.14 -4.47 -7.63
CA MET B 87 -9.63 -3.25 -8.24
C MET B 87 -8.54 -3.48 -9.28
N ILE B 88 -7.60 -4.37 -9.00
CA ILE B 88 -6.55 -4.60 -9.97
C ILE B 88 -7.15 -5.26 -11.21
N GLY B 89 -8.17 -6.10 -11.03
CA GLY B 89 -8.86 -6.66 -12.18
C GLY B 89 -9.53 -5.59 -13.03
N LEU B 90 -10.20 -4.64 -12.39
CA LEU B 90 -10.86 -3.54 -13.09
C LEU B 90 -9.83 -2.71 -13.86
N VAL B 91 -8.73 -2.38 -13.20
CA VAL B 91 -7.70 -1.58 -13.86
C VAL B 91 -7.11 -2.30 -15.08
N TRP B 92 -6.88 -3.58 -14.97
CA TRP B 92 -6.43 -4.37 -16.08
C TRP B 92 -7.43 -4.35 -17.27
N ARG B 93 -8.69 -4.60 -17.01
CA ARG B 93 -9.69 -4.60 -18.05
C ARG B 93 -9.77 -3.25 -18.73
N SER B 94 -9.48 -2.22 -17.98
CA SER B 94 -9.62 -0.84 -18.44
C SER B 94 -8.41 -0.30 -19.16
N MET B 95 -7.34 -1.05 -19.15
CA MET B 95 -6.07 -0.52 -19.62
C MET B 95 -6.14 0.01 -21.06
N GLU B 96 -6.84 -0.71 -21.93
CA GLU B 96 -6.95 -0.32 -23.33
C GLU B 96 -8.05 0.70 -23.60
N HIS B 97 -8.65 1.24 -22.55
CA HIS B 97 -9.72 2.23 -22.69
C HIS B 97 -9.37 3.48 -21.89
N PRO B 98 -8.42 4.28 -22.39
CA PRO B 98 -8.00 5.48 -21.68
C PRO B 98 -9.18 6.35 -21.26
N GLY B 99 -9.18 6.74 -19.99
CA GLY B 99 -10.21 7.61 -19.44
C GLY B 99 -11.49 6.92 -19.05
N LYS B 100 -11.55 5.61 -19.23
CA LYS B 100 -12.75 4.87 -18.86
C LYS B 100 -12.44 3.71 -17.93
N LEU B 101 -13.46 3.28 -17.19
CA LEU B 101 -13.33 2.10 -16.34
C LEU B 101 -14.29 1.03 -16.86
N LEU B 102 -13.72 -0.08 -17.30
CA LEU B 102 -14.52 -1.17 -17.86
C LEU B 102 -14.92 -2.11 -16.74
N PHE B 103 -16.00 -1.75 -16.03
CA PHE B 103 -16.50 -2.60 -14.96
C PHE B 103 -16.98 -3.90 -15.58
N ALA B 104 -17.66 -3.77 -16.70
CA ALA B 104 -18.09 -4.92 -17.48
C ALA B 104 -18.11 -4.47 -18.94
N PRO B 105 -18.15 -5.41 -19.89
CA PRO B 105 -18.20 -4.99 -21.30
C PRO B 105 -19.39 -4.09 -21.62
N ASN B 106 -20.50 -4.28 -20.90
CA ASN B 106 -21.65 -3.39 -21.06
C ASN B 106 -21.79 -2.36 -19.95
N LEU B 107 -20.70 -2.09 -19.24
CA LEU B 107 -20.71 -1.05 -18.22
C LEU B 107 -19.35 -0.36 -18.18
N LEU B 108 -19.16 0.51 -19.17
CA LEU B 108 -17.92 1.24 -19.36
C LEU B 108 -18.19 2.69 -18.97
N LEU B 109 -17.60 3.13 -17.85
CA LEU B 109 -17.90 4.43 -17.25
C LEU B 109 -16.73 5.40 -17.33
N ASP B 110 -17.02 6.69 -17.52
CA ASP B 110 -15.99 7.73 -17.43
C ASP B 110 -16.06 8.43 -16.08
N ARG B 111 -15.12 9.34 -15.80
CA ARG B 111 -15.08 9.96 -14.47
C ARG B 111 -16.31 10.78 -14.18
N ASN B 112 -16.90 11.38 -15.21
CA ASN B 112 -18.10 12.18 -14.98
C ASN B 112 -19.23 11.34 -14.41
N GLN B 113 -19.29 10.08 -14.82
CA GLN B 113 -20.29 9.17 -14.30
C GLN B 113 -19.97 8.79 -12.86
N GLY B 114 -18.70 8.91 -12.49
CA GLY B 114 -18.29 8.77 -11.11
C GLY B 114 -19.03 9.75 -10.22
N LYS B 115 -19.29 10.94 -10.75
CA LYS B 115 -19.97 11.99 -9.99
C LYS B 115 -21.39 11.61 -9.58
N CSO B 116 -21.98 10.63 -10.26
CA CSO B 116 -23.33 10.16 -9.92
CB CSO B 116 -23.80 9.03 -10.84
SG CSO B 116 -23.71 9.54 -12.58
C CSO B 116 -23.44 9.70 -8.46
O CSO B 116 -24.52 9.71 -7.88
OD CSO B 116 -25.00 10.71 -12.95
N VAL B 117 -22.31 9.27 -7.90
CA VAL B 117 -22.29 8.77 -6.53
C VAL B 117 -21.41 9.64 -5.63
N GLU B 118 -21.98 10.05 -4.50
CA GLU B 118 -21.27 10.85 -3.52
C GLU B 118 -19.95 10.21 -3.09
N GLY B 119 -18.85 10.96 -3.27
CA GLY B 119 -17.54 10.50 -2.84
C GLY B 119 -16.85 9.54 -3.79
N MET B 120 -17.47 9.28 -4.93
CA MET B 120 -16.96 8.27 -5.84
C MET B 120 -15.93 8.75 -6.86
N VAL B 121 -16.07 10.00 -7.31
CA VAL B 121 -15.19 10.46 -8.38
C VAL B 121 -13.72 10.46 -7.95
N GLU B 122 -13.46 10.69 -6.66
CA GLU B 122 -12.08 10.65 -6.16
C GLU B 122 -11.49 9.25 -6.35
N ILE B 123 -12.30 8.23 -6.09
CA ILE B 123 -11.86 6.85 -6.25
C ILE B 123 -11.70 6.51 -7.73
N PHE B 124 -12.65 6.95 -8.56
CA PHE B 124 -12.54 6.76 -10.01
C PHE B 124 -11.24 7.36 -10.51
N ASP B 125 -10.92 8.57 -10.05
CA ASP B 125 -9.68 9.23 -10.47
C ASP B 125 -8.45 8.41 -10.13
N MET B 126 -8.41 7.84 -8.93
CA MET B 126 -7.28 6.98 -8.57
C MET B 126 -7.18 5.74 -9.46
N LEU B 127 -8.32 5.12 -9.76
CA LEU B 127 -8.33 3.91 -10.55
C LEU B 127 -7.88 4.21 -11.98
N LEU B 128 -8.35 5.34 -12.50
CA LEU B 128 -7.96 5.78 -13.83
C LEU B 128 -6.47 6.06 -13.93
N ALA B 129 -5.91 6.69 -12.90
CA ALA B 129 -4.47 6.93 -12.88
C ALA B 129 -3.68 5.63 -12.89
N THR B 130 -4.19 4.61 -12.20
CA THR B 130 -3.51 3.31 -12.13
C THR B 130 -3.57 2.64 -13.49
N SER B 131 -4.75 2.69 -14.12
CA SER B 131 -4.92 2.15 -15.45
C SER B 131 -3.93 2.79 -16.43
N SER B 132 -3.83 4.11 -16.38
CA SER B 132 -2.92 4.85 -17.24
CA SER B 132 -2.93 4.84 -17.25
C SER B 132 -1.47 4.43 -17.03
N ARG B 133 -1.10 4.25 -15.76
CA ARG B 133 0.27 3.85 -15.43
C ARG B 133 0.57 2.47 -16.00
N PHE B 134 -0.35 1.53 -15.82
CA PHE B 134 -0.18 0.21 -16.42
C PHE B 134 -0.07 0.29 -17.94
N ARG B 135 -0.89 1.13 -18.58
CA ARG B 135 -0.85 1.23 -20.03
C ARG B 135 0.51 1.77 -20.45
N MET B 136 0.98 2.81 -19.78
CA MET B 136 2.24 3.41 -20.18
C MET B 136 3.41 2.45 -19.95
N MET B 137 3.26 1.52 -19.01
CA MET B 137 4.29 0.51 -18.75
C MET B 137 4.16 -0.70 -19.68
N ASN B 138 3.12 -0.72 -20.50
CA ASN B 138 2.85 -1.88 -21.34
CA ASN B 138 2.86 -1.88 -21.35
C ASN B 138 2.78 -3.16 -20.53
N LEU B 139 2.03 -3.12 -19.42
CA LEU B 139 1.84 -4.30 -18.58
C LEU B 139 1.31 -5.47 -19.42
N GLN B 140 1.91 -6.64 -19.25
CA GLN B 140 1.51 -7.82 -20.01
C GLN B 140 0.58 -8.69 -19.17
N GLY B 141 -0.24 -9.50 -19.84
CA GLY B 141 -1.19 -10.33 -19.12
C GLY B 141 -0.51 -11.28 -18.15
N GLU B 142 0.64 -11.83 -18.56
CA GLU B 142 1.37 -12.74 -17.70
C GLU B 142 1.88 -12.04 -16.42
N GLU B 143 2.25 -10.77 -16.56
CA GLU B 143 2.71 -9.99 -15.40
C GLU B 143 1.53 -9.67 -14.49
N PHE B 144 0.40 -9.33 -15.10
CA PHE B 144 -0.82 -9.03 -14.36
C PHE B 144 -1.23 -10.18 -13.45
N VAL B 145 -1.28 -11.40 -13.97
CA VAL B 145 -1.72 -12.50 -13.12
C VAL B 145 -0.75 -12.76 -11.97
N CYS B 146 0.53 -12.51 -12.22
CA CYS B 146 1.51 -12.59 -11.12
C CYS B 146 1.20 -11.57 -10.03
N LEU B 147 0.95 -10.32 -10.42
CA LEU B 147 0.71 -9.24 -9.46
C LEU B 147 -0.56 -9.51 -8.67
N LYS B 148 -1.58 -10.03 -9.34
CA LYS B 148 -2.83 -10.29 -8.65
C LYS B 148 -2.66 -11.38 -7.57
N SER B 149 -1.87 -12.42 -7.86
CA SER B 149 -1.63 -13.47 -6.88
CA SER B 149 -1.63 -13.47 -6.88
C SER B 149 -0.77 -12.94 -5.73
N ILE B 150 0.12 -12.00 -6.05
CA ILE B 150 0.97 -11.40 -5.02
C ILE B 150 0.09 -10.65 -4.02
N ILE B 151 -0.88 -9.89 -4.51
CA ILE B 151 -1.81 -9.20 -3.62
C ILE B 151 -2.54 -10.19 -2.69
N LEU B 152 -3.03 -11.30 -3.25
CA LEU B 152 -3.73 -12.32 -2.47
C LEU B 152 -2.88 -12.82 -1.32
N LEU B 153 -1.62 -13.11 -1.61
CA LEU B 153 -0.77 -13.75 -0.60
C LEU B 153 -0.14 -12.73 0.37
N ASN B 154 0.06 -11.51 -0.11
CA ASN B 154 0.79 -10.52 0.69
C ASN B 154 -0.06 -9.66 1.60
N SER B 155 -1.27 -9.30 1.16
CA SER B 155 -1.94 -8.20 1.85
C SER B 155 -2.23 -8.54 3.32
N GLY B 156 -2.58 -9.79 3.58
CA GLY B 156 -2.90 -10.19 4.93
C GLY B 156 -1.81 -10.91 5.72
N VAL B 157 -0.63 -11.07 5.12
CA VAL B 157 0.40 -11.93 5.72
C VAL B 157 1.03 -11.36 7.01
N TYR B 158 0.97 -10.04 7.19
CA TYR B 158 1.54 -9.44 8.40
C TYR B 158 0.53 -9.21 9.53
N THR B 159 -0.71 -9.61 9.28
CA THR B 159 -1.74 -9.50 10.31
C THR B 159 -2.15 -10.90 10.73
N PHE B 160 -1.22 -11.83 10.58
CA PHE B 160 -1.39 -13.20 11.06
C PHE B 160 -0.94 -13.30 12.50
N LYS B 171 3.42 -18.99 7.84
CA LYS B 171 4.07 -17.74 7.45
C LYS B 171 5.14 -18.01 6.40
N ASP B 172 6.09 -18.87 6.75
CA ASP B 172 7.20 -19.16 5.85
C ASP B 172 6.71 -19.71 4.52
N HIS B 173 5.67 -20.54 4.56
CA HIS B 173 5.09 -21.06 3.33
C HIS B 173 4.65 -19.94 2.39
N ILE B 174 3.91 -18.97 2.93
CA ILE B 174 3.43 -17.85 2.12
C ILE B 174 4.60 -17.08 1.53
N HIS B 175 5.62 -16.82 2.34
CA HIS B 175 6.77 -16.08 1.86
C HIS B 175 7.54 -16.86 0.80
N ARG B 176 7.61 -18.18 0.95
CA ARG B 176 8.26 -19.01 -0.06
C ARG B 176 7.49 -18.96 -1.39
N VAL B 177 6.16 -18.97 -1.32
CA VAL B 177 5.34 -18.87 -2.53
C VAL B 177 5.50 -17.49 -3.16
N LEU B 178 5.48 -16.44 -2.34
CA LEU B 178 5.72 -15.10 -2.85
C LEU B 178 7.06 -15.00 -3.58
N ASP B 179 8.10 -15.63 -3.01
CA ASP B 179 9.41 -15.71 -3.66
C ASP B 179 9.34 -16.41 -5.01
N LYS B 180 8.56 -17.49 -5.09
CA LYS B 180 8.36 -18.18 -6.36
C LYS B 180 7.68 -17.28 -7.40
N ILE B 181 6.70 -16.48 -6.98
CA ILE B 181 6.07 -15.57 -7.92
C ILE B 181 7.03 -14.48 -8.37
N THR B 182 7.85 -13.97 -7.45
CA THR B 182 8.90 -13.04 -7.85
C THR B 182 9.81 -13.65 -8.92
N ASP B 183 10.26 -14.88 -8.70
CA ASP B 183 11.10 -15.56 -9.69
C ASP B 183 10.39 -15.61 -11.04
N THR B 184 9.08 -15.83 -10.99
CA THR B 184 8.27 -15.97 -12.20
C THR B 184 8.15 -14.63 -12.94
N LEU B 185 7.96 -13.55 -12.18
CA LEU B 185 7.92 -12.23 -12.80
C LEU B 185 9.23 -11.91 -13.50
N ILE B 186 10.34 -12.19 -12.83
CA ILE B 186 11.66 -11.92 -13.40
C ILE B 186 11.89 -12.76 -14.66
N HIS B 187 11.48 -14.03 -14.59
CA HIS B 187 11.52 -14.91 -15.76
C HIS B 187 10.80 -14.29 -16.96
N LEU B 188 9.59 -13.78 -16.73
CA LEU B 188 8.83 -13.17 -17.81
C LEU B 188 9.54 -11.96 -18.42
N MET B 189 10.11 -11.12 -17.56
CA MET B 189 10.81 -9.92 -18.03
C MET B 189 12.09 -10.28 -18.78
N ALA B 190 12.82 -11.28 -18.30
CA ALA B 190 13.98 -11.78 -19.05
C ALA B 190 13.55 -12.28 -20.43
N LYS B 191 12.47 -13.07 -20.45
CA LYS B 191 11.95 -13.63 -21.69
C LYS B 191 11.53 -12.55 -22.68
N ALA B 192 11.12 -11.40 -22.17
CA ALA B 192 10.68 -10.29 -23.01
C ALA B 192 11.87 -9.48 -23.52
N GLY B 193 13.07 -9.82 -23.07
CA GLY B 193 14.28 -9.21 -23.59
C GLY B 193 14.84 -8.04 -22.79
N LEU B 194 14.33 -7.83 -21.59
CA LEU B 194 14.85 -6.76 -20.74
C LEU B 194 16.23 -7.11 -20.19
N THR B 195 17.07 -6.08 -20.06
CA THR B 195 18.35 -6.26 -19.39
C THR B 195 18.13 -6.52 -17.91
N LEU B 196 19.16 -7.03 -17.24
CA LEU B 196 19.08 -7.28 -15.82
C LEU B 196 18.65 -6.02 -15.04
N GLN B 197 19.25 -4.88 -15.39
CA GLN B 197 18.90 -3.62 -14.75
C GLN B 197 17.44 -3.25 -15.03
N GLN B 198 16.97 -3.49 -16.25
CA GLN B 198 15.58 -3.20 -16.61
C GLN B 198 14.62 -4.10 -15.84
N GLN B 199 15.02 -5.35 -15.64
CA GLN B 199 14.19 -6.31 -14.90
C GLN B 199 13.98 -5.86 -13.45
N HIS B 200 15.06 -5.52 -12.74
CA HIS B 200 14.87 -5.10 -11.35
CA HIS B 200 14.92 -5.07 -11.36
C HIS B 200 14.15 -3.77 -11.25
N GLN B 201 14.37 -2.87 -12.20
CA GLN B 201 13.67 -1.60 -12.17
C GLN B 201 12.18 -1.79 -12.39
N ARG B 202 11.83 -2.67 -13.32
CA ARG B 202 10.43 -2.92 -13.64
C ARG B 202 9.74 -3.68 -12.50
N LEU B 203 10.45 -4.65 -11.92
CA LEU B 203 9.91 -5.35 -10.76
C LEU B 203 9.56 -4.32 -9.67
N ALA B 204 10.48 -3.41 -9.40
CA ALA B 204 10.24 -2.36 -8.41
C ALA B 204 9.04 -1.49 -8.79
N GLN B 205 8.97 -1.07 -10.05
CA GLN B 205 7.87 -0.21 -10.49
C GLN B 205 6.51 -0.89 -10.27
N LEU B 206 6.42 -2.16 -10.63
CA LEU B 206 5.18 -2.89 -10.43
C LEU B 206 4.80 -3.05 -8.97
N LEU B 207 5.78 -3.42 -8.13
CA LEU B 207 5.46 -3.62 -6.71
C LEU B 207 5.09 -2.32 -6.02
N LEU B 208 5.68 -1.19 -6.45
CA LEU B 208 5.29 0.09 -5.86
C LEU B 208 3.85 0.47 -6.18
N ILE B 209 3.34 0.05 -7.34
CA ILE B 209 1.94 0.30 -7.67
C ILE B 209 1.01 -0.45 -6.68
N LEU B 210 1.48 -1.56 -6.13
CA LEU B 210 0.67 -2.29 -5.16
C LEU B 210 0.39 -1.45 -3.92
N SER B 211 1.29 -0.54 -3.55
CA SER B 211 1.06 0.41 -2.45
CA SER B 211 1.02 0.36 -2.43
C SER B 211 -0.13 1.30 -2.72
N HIS B 212 -0.23 1.75 -3.97
CA HIS B 212 -1.35 2.59 -4.39
CA HIS B 212 -1.34 2.60 -4.39
C HIS B 212 -2.64 1.79 -4.42
N ILE B 213 -2.55 0.53 -4.85
CA ILE B 213 -3.74 -0.33 -4.86
C ILE B 213 -4.25 -0.54 -3.44
N ARG B 214 -3.34 -0.72 -2.47
CA ARG B 214 -3.76 -0.82 -1.08
C ARG B 214 -4.47 0.46 -0.62
N HIS B 215 -3.90 1.61 -0.96
CA HIS B 215 -4.49 2.88 -0.62
C HIS B 215 -5.92 2.98 -1.19
N MET B 216 -6.08 2.63 -2.46
CA MET B 216 -7.40 2.70 -3.09
C MET B 216 -8.41 1.78 -2.41
N SER B 217 -7.96 0.59 -2.03
CA SER B 217 -8.84 -0.36 -1.36
C SER B 217 -9.30 0.19 -0.01
N ASN B 218 -8.37 0.81 0.72
CA ASN B 218 -8.74 1.40 2.01
C ASN B 218 -9.77 2.50 1.84
N LYS B 219 -9.59 3.33 0.82
CA LYS B 219 -10.55 4.40 0.56
C LYS B 219 -11.89 3.82 0.10
N GLY B 220 -11.82 2.78 -0.72
CA GLY B 220 -13.01 2.15 -1.24
C GLY B 220 -13.81 1.45 -0.16
N MET B 221 -13.11 0.90 0.83
CA MET B 221 -13.79 0.18 1.91
C MET B 221 -14.54 1.17 2.79
N GLU B 222 -13.93 2.33 3.04
CA GLU B 222 -14.60 3.38 3.80
C GLU B 222 -15.81 3.89 3.01
N HIS B 223 -15.67 3.95 1.69
CA HIS B 223 -16.80 4.42 0.87
C HIS B 223 -17.96 3.44 0.91
N LEU B 224 -17.65 2.15 0.78
CA LEU B 224 -18.70 1.14 0.80
C LEU B 224 -19.38 1.11 2.17
N TYR B 225 -18.58 1.25 3.23
CA TYR B 225 -19.14 1.31 4.57
C TYR B 225 -20.13 2.47 4.70
N SER B 226 -19.79 3.62 4.13
CA SER B 226 -20.71 4.76 4.20
C SER B 226 -22.00 4.48 3.44
N MET B 227 -21.89 3.79 2.30
CA MET B 227 -23.08 3.44 1.53
C MET B 227 -23.97 2.47 2.30
N LYS B 228 -23.36 1.50 2.98
CA LYS B 228 -24.12 0.58 3.81
C LYS B 228 -24.90 1.33 4.89
N CYS B 229 -24.22 2.27 5.54
CA CYS B 229 -24.81 3.03 6.64
C CYS B 229 -25.91 3.97 6.19
N LYS B 230 -25.83 4.47 4.99
CA LYS B 230 -26.84 5.37 4.45
C LYS B 230 -28.02 4.59 3.92
N ASN B 231 -27.87 3.30 3.86
CA ASN B 231 -28.88 2.43 3.35
C ASN B 231 -29.16 2.77 1.92
N VAL B 232 -28.13 3.18 1.20
CA VAL B 232 -28.27 3.55 -0.20
C VAL B 232 -28.90 2.43 -1.00
N VAL B 233 -28.38 1.21 -0.83
CA VAL B 233 -28.90 0.05 -1.54
C VAL B 233 -28.69 -1.23 -0.73
N PRO B 234 -29.32 -2.32 -1.19
CA PRO B 234 -29.19 -3.61 -0.50
C PRO B 234 -27.94 -4.36 -0.92
N LEU B 235 -27.08 -4.67 0.04
CA LEU B 235 -25.86 -5.38 -0.23
C LEU B 235 -25.97 -6.86 0.08
N SER B 236 -25.38 -7.69 -0.75
CA SER B 236 -25.49 -9.13 -0.54
C SER B 236 -24.91 -9.52 0.82
N ASP B 237 -25.37 -10.62 1.38
CA ASP B 237 -24.81 -11.12 2.63
C ASP B 237 -23.31 -11.39 2.52
N LEU B 238 -22.88 -11.94 1.38
CA LEU B 238 -21.46 -12.19 1.16
C LEU B 238 -20.68 -10.87 1.18
N LEU B 239 -21.17 -9.88 0.45
CA LEU B 239 -20.48 -8.59 0.37
C LEU B 239 -20.42 -7.96 1.76
N LEU B 240 -21.52 -8.05 2.51
CA LEU B 240 -21.54 -7.52 3.88
C LEU B 240 -20.51 -8.21 4.78
N GLU B 241 -20.39 -9.51 4.66
CA GLU B 241 -19.42 -10.23 5.46
C GLU B 241 -17.97 -9.85 5.11
N MET B 242 -17.69 -9.63 3.82
CA MET B 242 -16.34 -9.26 3.41
C MET B 242 -15.99 -7.84 3.89
N LEU B 243 -17.00 -6.97 3.87
CA LEU B 243 -16.85 -5.62 4.35
C LEU B 243 -16.69 -5.62 5.88
N ASP B 244 -17.49 -6.44 6.56
CA ASP B 244 -17.45 -6.50 8.02
C ASP B 244 -16.09 -7.00 8.57
N ALA B 245 -15.33 -7.71 7.75
CA ALA B 245 -14.02 -8.21 8.17
C ALA B 245 -13.05 -7.07 8.44
N HIS B 246 -13.33 -5.90 7.88
CA HIS B 246 -12.42 -4.77 7.98
C HIS B 246 -12.69 -3.89 9.22
N ARG B 247 -13.79 -4.17 9.90
CA ARG B 247 -14.03 -3.62 11.24
C ARG B 247 -14.15 -2.11 11.29
N LEU B 248 -14.78 -1.54 10.26
CA LEU B 248 -14.97 -0.09 10.19
C LEU B 248 -15.99 0.39 11.22
N HIS B 249 -16.66 -0.56 11.87
CA HIS B 249 -17.67 -0.24 12.88
C HIS B 249 -17.13 -0.47 14.28
N LYS C 3 0.05 27.65 3.48
CA LYS C 3 0.18 26.58 4.47
C LYS C 3 1.52 26.60 5.19
N ILE C 4 1.54 26.07 6.41
CA ILE C 4 2.76 26.00 7.20
C ILE C 4 3.80 25.16 6.50
N LEU C 5 3.36 24.03 5.95
CA LEU C 5 4.28 23.15 5.23
C LEU C 5 4.95 23.88 4.08
N HIS C 6 4.16 24.63 3.31
CA HIS C 6 4.70 25.39 2.18
C HIS C 6 5.79 26.35 2.66
N ARG C 7 5.50 27.05 3.76
CA ARG C 7 6.46 28.01 4.30
C ARG C 7 7.75 27.35 4.78
N LEU C 8 7.62 26.23 5.50
CA LEU C 8 8.79 25.55 6.05
C LEU C 8 9.65 24.99 4.92
N LEU C 9 9.01 24.59 3.83
CA LEU C 9 9.73 24.10 2.67
C LEU C 9 10.49 25.22 1.99
N GLN C 10 10.10 26.46 2.30
CA GLN C 10 10.81 27.65 1.83
C GLN C 10 11.86 28.16 2.81
N GLU C 11 11.55 28.13 4.11
CA GLU C 11 12.45 28.66 5.14
C GLU C 11 13.89 28.17 4.95
N ARG D 1 -17.61 -19.88 13.43
CA ARG D 1 -18.55 -18.93 12.86
C ARG D 1 -19.06 -19.40 11.50
N HIS D 2 -20.34 -19.18 11.24
CA HIS D 2 -20.87 -19.43 9.90
C HIS D 2 -20.50 -18.26 9.01
N LYS D 3 -19.88 -18.56 7.87
CA LYS D 3 -19.55 -17.53 6.89
C LYS D 3 -19.81 -18.08 5.51
N ILE D 4 -20.38 -17.26 4.65
CA ILE D 4 -20.57 -17.67 3.27
C ILE D 4 -19.20 -17.99 2.67
N LEU D 5 -18.18 -17.24 3.09
CA LEU D 5 -16.83 -17.48 2.60
C LEU D 5 -16.39 -18.92 2.89
N HIS D 6 -16.71 -19.44 4.07
CA HIS D 6 -16.41 -20.82 4.41
C HIS D 6 -17.05 -21.80 3.42
N ARG D 7 -18.33 -21.58 3.16
CA ARG D 7 -19.07 -22.47 2.29
C ARG D 7 -18.46 -22.47 0.89
N LEU D 8 -18.15 -21.28 0.39
CA LEU D 8 -17.59 -21.16 -0.95
C LEU D 8 -16.21 -21.82 -1.02
N LEU D 9 -15.37 -21.60 0.00
CA LEU D 9 -14.05 -22.18 0.00
C LEU D 9 -14.06 -23.71 0.11
N GLN D 10 -15.17 -24.26 0.58
CA GLN D 10 -15.26 -25.72 0.78
C GLN D 10 -15.97 -26.44 -0.38
N GLU D 11 -16.54 -25.67 -1.30
CA GLU D 11 -17.19 -26.26 -2.47
C GLU D 11 -16.17 -27.04 -3.31
C1 EST E . 4.26 9.52 16.68
C2 EST E . 5.61 9.65 16.45
C3 EST E . 6.31 8.77 15.67
O3 EST E . 7.59 8.88 15.40
C4 EST E . 5.57 7.76 15.10
C5 EST E . 4.22 7.59 15.31
C6 EST E . 3.50 6.43 14.61
C7 EST E . 2.15 6.15 15.17
C8 EST E . 1.38 7.41 15.31
C9 EST E . 2.07 8.30 16.37
C10 EST E . 3.55 8.49 16.09
C11 EST E . 1.26 9.61 16.64
C12 EST E . -0.20 9.29 16.97
C13 EST E . -0.85 8.39 15.93
C14 EST E . -0.02 7.14 15.79
C15 EST E . -0.90 6.24 14.93
C16 EST E . -2.31 6.61 15.38
C17 EST E . -2.17 7.80 16.37
O17 EST E . -3.22 8.68 16.25
C18 EST E . -1.01 9.14 14.65
C1 GOL F . 20.38 6.32 10.76
O1 GOL F . 18.98 6.36 10.87
C2 GOL F . 20.83 4.87 10.79
O2 GOL F . 20.70 4.37 9.48
C3 GOL F . 19.91 4.11 11.74
O3 GOL F . 20.64 3.23 12.56
C1 EST G . -17.07 -3.41 -8.45
C2 EST G . -16.67 -4.40 -9.31
C3 EST G . -15.36 -4.51 -9.67
O3 EST G . -14.90 -5.43 -10.50
C4 EST G . -14.47 -3.59 -9.18
C5 EST G . -14.88 -2.60 -8.32
C6 EST G . -13.83 -1.64 -7.83
C7 EST G . -14.45 -0.41 -7.19
C8 EST G . -15.55 -0.70 -6.23
C9 EST G . -16.68 -1.38 -6.99
C10 EST G . -16.17 -2.50 -7.95
C11 EST G . -17.79 -1.83 -6.05
C12 EST G . -18.32 -0.62 -5.26
C13 EST G . -17.19 0.14 -4.56
C14 EST G . -16.13 0.53 -5.55
C15 EST G . -15.18 1.36 -4.68
C16 EST G . -16.16 2.16 -3.86
C17 EST G . -17.55 1.53 -4.04
O17 EST G . -18.22 1.49 -2.84
C18 EST G . -16.67 -0.71 -3.42
C1 GOL H . -23.95 -17.14 -4.20
O1 GOL H . -23.25 -17.86 -3.21
C2 GOL H . -24.58 -15.90 -3.59
O2 GOL H . -25.31 -15.18 -4.56
C3 GOL H . -23.50 -15.01 -2.98
O3 GOL H . -24.02 -13.73 -2.74
C1 GOL I . -4.39 -11.80 -20.28
C1 GOL I . -4.19 -11.64 -19.99
O1 GOL I . -3.32 -12.49 -20.90
O1 GOL I . -3.79 -12.40 -21.11
C2 GOL I . -4.88 -12.60 -19.08
C2 GOL I . -5.62 -12.00 -19.60
O2 GOL I . -5.41 -13.84 -19.52
O2 GOL I . -6.47 -10.91 -19.89
C3 GOL I . -5.96 -11.79 -18.37
C3 GOL I . -5.67 -12.30 -18.11
O3 GOL I . -6.82 -12.67 -17.67
O3 GOL I . -7.01 -12.42 -17.71
C1 EDO J . 7.85 -4.72 -21.59
O1 EDO J . 6.47 -4.59 -21.99
C2 EDO J . 8.06 -6.13 -21.04
O2 EDO J . 7.13 -7.03 -21.67
#